data_5IC7
#
_entry.id   5IC7
#
_cell.length_a   107.712
_cell.length_b   107.712
_cell.length_c   83.838
_cell.angle_alpha   90.00
_cell.angle_beta   90.00
_cell.angle_gamma   120.00
#
_symmetry.space_group_name_H-M   'P 32 2 1'
#
loop_
_entity.id
_entity.type
_entity.pdbx_description
1 polymer 'Putative uncharacterized protein'
2 non-polymer 'SULFATE ION'
3 water water
#
_entity_poly.entity_id   1
_entity_poly.type   'polypeptide(L)'
_entity_poly.pdbx_seq_one_letter_code
;RRRRRSLDASSDSLSGSDMEVDSDGESIDAPLPLDSFLRDANSFKVAAEDSARSAKRRKLRPETIDIQRTRDIPDTHKAA
ISSLAFHPRYPILLSSSTSSIMYLHKLDASAYPTPNPLLTSVHVKRTDLRRAAFVGPDGGEIIFAGRRRYFHCWNLSSGL
VKKVSKIQGHQKEQRTMERFRVSPCGRYMALVASDKKGGGMLNIINVGTMQWIAQARIDGRHGVADFAWWSDGNGLTIAG
RDGQVTEWSMITRRTVGIWRDEGSIGGTVMALGGRNGPAELGGDRWVAIGSNSGILNVYDRNDLIEKPPKKNESNQEEQN
SSEKTKEIRIKKYPTPTRVFEQLTTSISVVAFSPDGQLLAFGSQHKKDALRLVHLPSCTVYRNWPTEQTPLGRVTAIAFS
SKSDVLAVGNDVGRVRLWEIRG
;
_entity_poly.pdbx_strand_id   A
#
loop_
_chem_comp.id
_chem_comp.type
_chem_comp.name
_chem_comp.formula
SO4 non-polymer 'SULFATE ION' 'O4 S -2'
#
# COMPACT_ATOMS: atom_id res chain seq x y z
N ARG A 58 -4.86 -18.65 -17.27
CA ARG A 58 -3.49 -18.68 -17.80
C ARG A 58 -2.76 -17.35 -17.55
N LYS A 59 -1.44 -17.43 -17.38
CA LYS A 59 -0.62 -16.25 -17.05
C LYS A 59 -0.81 -15.07 -17.97
N LEU A 60 -0.60 -13.88 -17.42
CA LEU A 60 -0.59 -12.67 -18.22
C LEU A 60 0.68 -12.66 -19.07
N ARG A 61 0.67 -11.90 -20.16
CA ARG A 61 1.81 -11.85 -21.06
C ARG A 61 2.34 -10.43 -21.15
N PRO A 62 3.66 -10.27 -21.41
CA PRO A 62 4.21 -8.93 -21.56
C PRO A 62 3.57 -8.16 -22.70
N GLU A 63 3.74 -6.85 -22.68
CA GLU A 63 3.44 -5.97 -23.82
C GLU A 63 1.95 -5.68 -24.03
N THR A 64 1.14 -6.71 -24.14
CA THR A 64 -0.28 -6.49 -24.44
C THR A 64 -1.15 -7.15 -23.39
N ILE A 65 -2.17 -6.42 -22.93
CA ILE A 65 -3.04 -6.92 -21.89
C ILE A 65 -4.52 -6.69 -22.24
N ASP A 66 -5.35 -7.63 -21.85
CA ASP A 66 -6.79 -7.53 -22.04
C ASP A 66 -7.44 -6.80 -20.86
N ILE A 67 -7.70 -5.53 -21.04
CA ILE A 67 -8.21 -4.71 -19.95
C ILE A 67 -9.34 -3.82 -20.45
N GLN A 68 -10.46 -3.83 -19.73
CA GLN A 68 -11.68 -3.21 -20.20
C GLN A 68 -12.39 -2.40 -19.11
N ARG A 69 -12.63 -1.11 -19.39
CA ARG A 69 -13.42 -0.26 -18.52
C ARG A 69 -14.73 -0.94 -18.16
N THR A 70 -15.02 -0.98 -16.87
CA THR A 70 -16.31 -1.46 -16.40
C THR A 70 -17.01 -0.30 -15.69
N ARG A 71 -18.03 -0.58 -14.89
CA ARG A 71 -18.82 0.51 -14.33
C ARG A 71 -18.25 1.15 -13.06
N ASP A 72 -18.37 2.47 -12.98
CA ASP A 72 -17.91 3.25 -11.85
C ASP A 72 -18.42 2.77 -10.50
N ILE A 73 -17.76 3.26 -9.45
CA ILE A 73 -18.34 3.26 -8.11
C ILE A 73 -19.36 4.41 -8.10
N PRO A 74 -20.63 4.10 -7.83
CA PRO A 74 -21.75 5.04 -7.93
C PRO A 74 -21.62 6.34 -7.14
N ASP A 75 -21.19 6.28 -5.89
CA ASP A 75 -21.20 7.47 -5.04
C ASP A 75 -19.95 8.32 -5.19
N THR A 76 -20.12 9.60 -5.50
CA THR A 76 -18.98 10.47 -5.82
C THR A 76 -19.16 11.92 -5.37
N HIS A 77 -18.33 12.35 -4.41
CA HIS A 77 -18.28 13.76 -4.02
C HIS A 77 -16.94 14.34 -4.45
N LYS A 78 -16.88 15.67 -4.57
CA LYS A 78 -15.66 16.36 -4.98
C LYS A 78 -14.43 16.07 -4.13
N ALA A 79 -14.62 15.50 -2.94
CA ALA A 79 -13.53 15.26 -1.98
C ALA A 79 -12.61 14.13 -2.42
N ALA A 80 -11.31 14.44 -2.48
CA ALA A 80 -10.28 13.55 -3.02
C ALA A 80 -10.20 12.21 -2.33
N ILE A 81 -10.12 11.15 -3.14
CA ILE A 81 -9.90 9.79 -2.69
C ILE A 81 -8.57 9.70 -1.97
N SER A 82 -8.52 9.04 -0.82
CA SER A 82 -7.26 8.99 -0.08
C SER A 82 -6.78 7.55 0.15
N SER A 83 -7.69 6.60 -0.02
CA SER A 83 -7.36 5.22 0.27
C SER A 83 -8.31 4.27 -0.43
N LEU A 84 -7.75 3.25 -1.08
CA LEU A 84 -8.53 2.21 -1.73
C LEU A 84 -7.98 0.85 -1.33
N ALA A 85 -8.85 -0.07 -0.97
CA ALA A 85 -8.43 -1.42 -0.64
C ALA A 85 -9.56 -2.41 -0.93
N PHE A 86 -9.17 -3.57 -1.44
CA PHE A 86 -10.12 -4.64 -1.71
C PHE A 86 -10.13 -5.65 -0.57
N HIS A 87 -11.31 -6.12 -0.22
CA HIS A 87 -11.44 -7.15 0.79
C HIS A 87 -10.62 -8.36 0.35
N PRO A 88 -9.85 -8.94 1.28
CA PRO A 88 -8.93 -10.03 0.94
C PRO A 88 -9.63 -11.30 0.44
N ARG A 89 -10.95 -11.30 0.38
CA ARG A 89 -11.70 -12.49 -0.04
C ARG A 89 -12.86 -12.18 -0.99
N TYR A 90 -13.66 -11.17 -0.65
CA TYR A 90 -14.94 -10.92 -1.31
C TYR A 90 -14.86 -9.74 -2.30
N PRO A 91 -15.80 -9.67 -3.25
CA PRO A 91 -15.85 -8.52 -4.19
C PRO A 91 -16.37 -7.26 -3.49
N ILE A 92 -15.57 -6.75 -2.56
CA ILE A 92 -15.95 -5.60 -1.76
C ILE A 92 -14.86 -4.53 -1.82
N LEU A 93 -15.22 -3.30 -2.18
CA LEU A 93 -14.26 -2.22 -2.24
C LEU A 93 -14.42 -1.21 -1.12
N LEU A 94 -13.33 -1.00 -0.38
CA LEU A 94 -13.28 0.04 0.65
C LEU A 94 -12.60 1.26 0.08
N SER A 95 -13.33 2.35 -0.02
CA SER A 95 -12.76 3.60 -0.49
C SER A 95 -12.76 4.60 0.63
N SER A 96 -11.90 5.61 0.54
CA SER A 96 -11.73 6.52 1.65
C SER A 96 -11.45 7.93 1.16
N SER A 97 -11.98 8.91 1.89
CA SER A 97 -11.92 10.29 1.45
C SER A 97 -11.19 11.19 2.46
N THR A 98 -10.66 12.31 1.97
CA THR A 98 -10.12 13.35 2.84
C THR A 98 -11.22 13.89 3.77
N SER A 99 -12.47 13.77 3.33
CA SER A 99 -13.63 14.21 4.09
C SER A 99 -13.93 13.33 5.29
N SER A 100 -13.10 12.30 5.49
CA SER A 100 -13.23 11.35 6.58
C SER A 100 -14.44 10.43 6.45
N ILE A 101 -14.88 10.22 5.21
CA ILE A 101 -15.96 9.27 4.95
C ILE A 101 -15.38 8.02 4.32
N MET A 102 -15.82 6.86 4.79
CA MET A 102 -15.43 5.56 4.21
C MET A 102 -16.66 4.95 3.54
N TYR A 103 -16.48 4.36 2.37
CA TYR A 103 -17.56 3.62 1.72
C TYR A 103 -17.18 2.18 1.56
N LEU A 104 -18.15 1.29 1.75
CA LEU A 104 -17.97 -0.10 1.33
C LEU A 104 -18.94 -0.38 0.20
N HIS A 105 -18.43 -0.67 -0.98
CA HIS A 105 -19.28 -1.02 -2.12
C HIS A 105 -19.11 -2.47 -2.49
N LYS A 106 -20.22 -3.12 -2.83
CA LYS A 106 -20.15 -4.46 -3.39
C LYS A 106 -19.80 -4.35 -4.86
N LEU A 107 -18.93 -5.23 -5.33
CA LEU A 107 -18.54 -5.22 -6.74
C LEU A 107 -19.50 -6.06 -7.56
N ASP A 108 -20.22 -5.40 -8.45
CA ASP A 108 -21.27 -6.02 -9.25
C ASP A 108 -21.72 -5.05 -10.34
N ALA A 109 -21.11 -5.16 -11.52
CA ALA A 109 -21.34 -4.18 -12.58
C ALA A 109 -22.73 -4.32 -13.22
N SER A 110 -23.40 -5.43 -12.93
CA SER A 110 -24.70 -5.67 -13.53
C SER A 110 -25.85 -5.52 -12.53
N ALA A 111 -25.52 -5.06 -11.32
CA ALA A 111 -26.50 -4.96 -10.25
C ALA A 111 -27.66 -4.03 -10.60
N TYR A 112 -28.87 -4.46 -10.26
CA TYR A 112 -30.05 -3.63 -10.41
C TYR A 112 -30.52 -3.22 -9.02
N PRO A 113 -30.88 -1.94 -8.83
CA PRO A 113 -30.95 -0.88 -9.86
C PRO A 113 -29.63 -0.19 -10.18
N THR A 114 -28.71 -0.17 -9.23
CA THR A 114 -27.46 0.55 -9.41
C THR A 114 -26.28 -0.40 -9.39
N PRO A 115 -25.39 -0.31 -10.40
CA PRO A 115 -24.21 -1.17 -10.43
C PRO A 115 -23.26 -0.85 -9.27
N ASN A 116 -22.62 -1.88 -8.72
CA ASN A 116 -21.69 -1.72 -7.61
C ASN A 116 -22.35 -1.03 -6.43
N PRO A 117 -23.33 -1.69 -5.79
CA PRO A 117 -24.16 -1.00 -4.80
C PRO A 117 -23.42 -0.74 -3.50
N LEU A 118 -23.61 0.46 -2.96
CA LEU A 118 -23.10 0.83 -1.64
C LEU A 118 -23.62 -0.15 -0.59
N LEU A 119 -22.70 -0.84 0.09
CA LEU A 119 -23.04 -1.75 1.18
C LEU A 119 -23.27 -0.97 2.47
N THR A 120 -22.29 -0.14 2.83
CA THR A 120 -22.43 0.72 3.99
C THR A 120 -21.43 1.86 3.90
N SER A 121 -21.62 2.85 4.77
CA SER A 121 -20.73 3.99 4.83
C SER A 121 -20.53 4.37 6.28
N VAL A 122 -19.41 5.00 6.56
CA VAL A 122 -19.02 5.35 7.91
C VAL A 122 -18.48 6.76 7.92
N HIS A 123 -18.93 7.55 8.87
CA HIS A 123 -18.38 8.89 9.03
C HIS A 123 -18.11 9.14 10.50
N VAL A 124 -16.84 9.08 10.87
CA VAL A 124 -16.46 9.50 12.21
C VAL A 124 -16.04 10.95 12.12
N LYS A 125 -16.84 11.84 12.71
CA LYS A 125 -16.55 13.27 12.61
C LYS A 125 -15.47 13.64 13.61
N ARG A 126 -14.95 14.86 13.45
CA ARG A 126 -13.89 15.39 14.30
C ARG A 126 -12.63 14.53 14.19
N THR A 127 -12.54 13.76 13.11
CA THR A 127 -11.35 12.94 12.84
C THR A 127 -10.88 13.12 11.42
N ASP A 128 -9.60 13.34 11.24
CA ASP A 128 -9.01 13.36 9.92
C ASP A 128 -8.87 11.90 9.46
N LEU A 129 -8.91 11.66 8.15
CA LEU A 129 -8.81 10.27 7.67
C LEU A 129 -7.84 10.08 6.50
N ARG A 130 -6.77 9.32 6.75
CA ARG A 130 -5.67 9.17 5.80
C ARG A 130 -5.51 7.75 5.28
N ARG A 131 -5.74 6.78 6.16
CA ARG A 131 -5.42 5.40 5.85
C ARG A 131 -6.40 4.45 6.52
N ALA A 132 -7.00 3.58 5.73
CA ALA A 132 -7.89 2.54 6.23
C ALA A 132 -7.49 1.20 5.61
N ALA A 133 -7.57 0.13 6.37
CA ALA A 133 -7.09 -1.15 5.88
C ALA A 133 -7.81 -2.34 6.50
N PHE A 134 -8.11 -3.34 5.66
CA PHE A 134 -8.62 -4.61 6.15
C PHE A 134 -7.53 -5.31 6.94
N VAL A 135 -7.92 -5.91 8.04
CA VAL A 135 -7.00 -6.63 8.88
C VAL A 135 -6.99 -8.12 8.56
N GLY A 136 -5.81 -8.64 8.24
CA GLY A 136 -5.61 -10.08 8.17
C GLY A 136 -6.18 -10.77 6.94
N PRO A 137 -6.02 -12.10 6.86
CA PRO A 137 -6.50 -12.84 5.70
C PRO A 137 -8.01 -12.79 5.54
N ASP A 138 -8.74 -12.69 6.65
CA ASP A 138 -10.20 -12.76 6.61
C ASP A 138 -10.83 -11.40 6.44
N GLY A 139 -10.07 -10.36 6.79
CA GLY A 139 -10.56 -9.00 6.64
C GLY A 139 -11.85 -8.77 7.40
N GLY A 140 -11.93 -9.32 8.60
CA GLY A 140 -13.11 -9.17 9.42
C GLY A 140 -13.21 -7.81 10.09
N GLU A 141 -12.07 -7.16 10.26
CA GLU A 141 -12.02 -5.86 10.90
C GLU A 141 -11.36 -4.81 10.00
N ILE A 142 -11.64 -3.54 10.25
CA ILE A 142 -10.97 -2.47 9.52
C ILE A 142 -10.32 -1.50 10.50
N ILE A 143 -9.04 -1.19 10.26
CA ILE A 143 -8.34 -0.23 11.09
C ILE A 143 -8.19 1.03 10.26
N PHE A 144 -8.54 2.18 10.84
CA PHE A 144 -8.38 3.43 10.10
C PHE A 144 -7.88 4.55 11.01
N ALA A 145 -7.12 5.47 10.42
CA ALA A 145 -6.47 6.54 11.17
C ALA A 145 -6.26 7.77 10.30
N GLY A 146 -6.06 8.91 10.94
CA GLY A 146 -5.75 10.13 10.23
C GLY A 146 -4.62 10.82 10.97
N ARG A 147 -4.41 12.09 10.65
CA ARG A 147 -3.38 12.87 11.33
C ARG A 147 -3.79 13.17 12.77
N ARG A 148 -3.88 12.11 13.58
CA ARG A 148 -4.33 12.27 14.95
C ARG A 148 -3.68 11.23 15.85
N ARG A 149 -3.72 11.45 17.17
CA ARG A 149 -3.04 10.58 18.12
C ARG A 149 -3.88 9.38 18.54
N TYR A 150 -4.87 9.01 17.74
CA TYR A 150 -5.64 7.80 17.99
C TYR A 150 -5.92 7.11 16.67
N PHE A 151 -6.38 5.88 16.72
CA PHE A 151 -7.01 5.29 15.56
C PHE A 151 -8.24 4.50 15.97
N HIS A 152 -8.92 3.93 14.97
CA HIS A 152 -10.16 3.23 15.21
C HIS A 152 -10.11 1.82 14.65
N CYS A 153 -10.76 0.91 15.34
CA CYS A 153 -10.92 -0.43 14.82
C CYS A 153 -12.41 -0.71 14.68
N TRP A 154 -12.82 -0.90 13.44
CA TRP A 154 -14.20 -1.19 13.10
C TRP A 154 -14.37 -2.68 12.83
N ASN A 155 -15.25 -3.32 13.58
CA ASN A 155 -15.58 -4.72 13.35
C ASN A 155 -16.74 -4.81 12.36
N LEU A 156 -16.54 -5.58 11.28
CA LEU A 156 -17.50 -5.60 10.19
C LEU A 156 -18.77 -6.39 10.52
N SER A 157 -18.62 -7.41 11.37
CA SER A 157 -19.76 -8.25 11.77
C SER A 157 -20.78 -7.48 12.61
N SER A 158 -20.27 -6.78 13.62
CA SER A 158 -21.10 -6.15 14.66
C SER A 158 -21.40 -4.67 14.40
N GLY A 159 -20.74 -4.08 13.41
CA GLY A 159 -20.84 -2.66 13.18
C GLY A 159 -20.23 -1.86 14.32
N LEU A 160 -19.54 -2.55 15.23
CA LEU A 160 -18.94 -1.93 16.41
C LEU A 160 -17.64 -1.18 16.12
N VAL A 161 -17.66 0.14 16.28
CA VAL A 161 -16.45 0.95 16.10
C VAL A 161 -15.80 1.30 17.44
N LYS A 162 -14.53 0.91 17.60
CA LYS A 162 -13.78 1.18 18.83
C LYS A 162 -12.60 2.15 18.62
N LYS A 163 -12.37 3.02 19.60
CA LYS A 163 -11.25 3.95 19.56
C LYS A 163 -10.05 3.40 20.32
N VAL A 164 -8.86 3.52 19.73
CA VAL A 164 -7.61 3.13 20.38
C VAL A 164 -6.64 4.32 20.44
N SER A 165 -6.27 4.75 21.64
CA SER A 165 -5.48 5.97 21.77
C SER A 165 -4.20 5.82 22.59
N LYS A 166 -3.96 4.63 23.15
CA LYS A 166 -2.86 4.47 24.09
C LYS A 166 -2.03 3.21 23.86
N ILE A 167 -0.74 3.42 23.61
CA ILE A 167 0.24 2.34 23.63
C ILE A 167 1.08 2.49 24.87
N GLN A 168 0.87 1.58 25.83
CA GLN A 168 1.45 1.72 27.15
C GLN A 168 2.97 1.80 27.11
N GLY A 169 3.52 2.81 27.75
CA GLY A 169 4.95 2.95 27.89
C GLY A 169 5.61 3.53 26.66
N HIS A 170 4.83 3.83 25.62
CA HIS A 170 5.39 4.37 24.38
C HIS A 170 4.51 5.48 23.77
N GLN A 171 3.74 6.16 24.62
CA GLN A 171 2.82 7.20 24.18
C GLN A 171 3.52 8.37 23.48
N LYS A 172 4.67 8.78 24.01
CA LYS A 172 5.38 9.94 23.46
C LYS A 172 5.92 9.66 22.06
N GLU A 173 6.09 8.38 21.74
CA GLU A 173 6.92 8.00 20.61
C GLU A 173 6.20 8.16 19.27
N GLN A 174 4.88 8.13 19.27
CA GLN A 174 4.12 8.34 18.04
C GLN A 174 3.67 9.78 17.90
N ARG A 175 4.05 10.41 16.78
CA ARG A 175 3.53 11.74 16.47
C ARG A 175 2.03 11.63 16.24
N THR A 176 1.64 10.82 15.27
CA THR A 176 0.25 10.46 15.04
C THR A 176 0.20 8.95 14.85
N MET A 177 -0.99 8.41 14.61
CA MET A 177 -1.16 7.00 14.34
C MET A 177 -1.37 6.78 12.85
N GLU A 178 -1.22 7.87 12.08
CA GLU A 178 -1.47 7.86 10.64
C GLU A 178 -0.64 6.84 9.84
N ARG A 179 0.64 6.75 10.15
CA ARG A 179 1.55 5.93 9.35
C ARG A 179 1.70 4.52 9.90
N PHE A 180 0.68 3.71 9.70
CA PHE A 180 0.67 2.33 10.16
C PHE A 180 0.63 1.34 9.00
N ARG A 181 1.20 0.16 9.20
CA ARG A 181 0.95 -0.97 8.31
C ARG A 181 0.63 -2.17 9.15
N VAL A 182 -0.48 -2.84 8.83
CA VAL A 182 -0.81 -4.07 9.52
C VAL A 182 -0.17 -5.24 8.81
N SER A 183 0.42 -6.14 9.59
CA SER A 183 1.01 -7.36 9.06
C SER A 183 -0.04 -8.18 8.26
N PRO A 184 0.42 -8.99 7.30
CA PRO A 184 -0.48 -9.82 6.45
C PRO A 184 -1.32 -10.82 7.24
N CYS A 185 -0.80 -11.30 8.38
CA CYS A 185 -1.52 -12.24 9.22
C CYS A 185 -2.55 -11.54 10.09
N GLY A 186 -2.41 -10.22 10.18
CA GLY A 186 -3.34 -9.39 10.93
C GLY A 186 -3.03 -9.24 12.41
N ARG A 187 -2.02 -9.93 12.91
CA ARG A 187 -1.72 -9.87 14.35
C ARG A 187 -0.90 -8.67 14.76
N TYR A 188 -0.15 -8.08 13.83
CA TYR A 188 0.74 -6.98 14.22
C TYR A 188 0.49 -5.70 13.43
N MET A 189 0.82 -4.59 14.08
CA MET A 189 0.73 -3.26 13.50
C MET A 189 2.09 -2.61 13.65
N ALA A 190 2.61 -2.07 12.56
CA ALA A 190 3.85 -1.32 12.61
C ALA A 190 3.54 0.18 12.47
N LEU A 191 4.12 0.99 13.35
CA LEU A 191 3.90 2.43 13.35
C LEU A 191 5.19 3.21 13.31
N VAL A 192 5.22 4.28 12.52
CA VAL A 192 6.36 5.18 12.53
C VAL A 192 6.40 5.88 13.86
N ALA A 193 7.59 5.96 14.43
CA ALA A 193 7.74 6.46 15.76
C ALA A 193 9.05 7.20 15.84
N SER A 194 9.28 7.82 16.97
CA SER A 194 10.50 8.58 17.12
C SER A 194 11.10 8.35 18.50
N ASP A 195 12.42 8.18 18.55
CA ASP A 195 13.11 8.10 19.83
C ASP A 195 13.22 9.51 20.42
N LYS A 196 13.78 9.60 21.61
CA LYS A 196 13.81 10.83 22.38
C LYS A 196 14.66 11.92 21.73
N LYS A 197 15.59 11.55 20.87
CA LYS A 197 16.44 12.58 20.25
C LYS A 197 15.92 13.01 18.89
N GLY A 198 14.81 12.42 18.46
CA GLY A 198 14.24 12.69 17.15
C GLY A 198 14.47 11.59 16.10
N GLY A 199 15.19 10.54 16.46
CA GLY A 199 15.51 9.49 15.50
C GLY A 199 14.31 8.65 15.11
N GLY A 200 14.17 8.36 13.81
CA GLY A 200 13.07 7.55 13.32
C GLY A 200 13.20 6.07 13.66
N MET A 201 12.05 5.41 13.80
CA MET A 201 11.98 3.99 14.09
C MET A 201 10.60 3.50 13.75
N LEU A 202 10.42 2.18 13.75
CA LEU A 202 9.07 1.61 13.71
C LEU A 202 8.80 0.97 15.07
N ASN A 203 7.64 1.28 15.66
CA ASN A 203 7.18 0.49 16.80
C ASN A 203 6.24 -0.59 16.30
N ILE A 204 6.41 -1.80 16.81
CA ILE A 204 5.53 -2.88 16.41
C ILE A 204 4.65 -3.25 17.58
N ILE A 205 3.36 -3.37 17.31
CA ILE A 205 2.29 -3.47 18.30
C ILE A 205 1.48 -4.73 18.05
N ASN A 206 1.15 -5.47 19.10
CA ASN A 206 0.23 -6.59 18.95
C ASN A 206 -1.18 -6.03 18.81
N VAL A 207 -1.88 -6.28 17.71
CA VAL A 207 -3.16 -5.61 17.53
C VAL A 207 -4.16 -6.07 18.62
N GLY A 208 -4.26 -7.37 18.88
CA GLY A 208 -5.18 -7.89 19.88
C GLY A 208 -5.12 -7.17 21.22
N THR A 209 -3.93 -7.04 21.79
CA THR A 209 -3.77 -6.44 23.10
C THR A 209 -3.37 -4.98 23.05
N MET A 210 -3.04 -4.50 21.85
CA MET A 210 -2.51 -3.16 21.66
C MET A 210 -1.29 -2.89 22.54
N GLN A 211 -0.51 -3.95 22.81
CA GLN A 211 0.77 -3.81 23.54
C GLN A 211 1.98 -3.77 22.57
N TRP A 212 2.96 -2.95 22.93
CA TRP A 212 4.26 -2.93 22.27
C TRP A 212 4.98 -4.28 22.36
N ILE A 213 5.51 -4.77 21.23
CA ILE A 213 6.28 -6.02 21.27
C ILE A 213 7.69 -5.88 20.68
N ALA A 214 7.88 -4.91 19.80
CA ALA A 214 9.17 -4.76 19.17
C ALA A 214 9.40 -3.37 18.60
N GLN A 215 10.60 -3.15 18.12
CA GLN A 215 11.01 -1.85 17.65
C GLN A 215 12.19 -1.97 16.69
N ALA A 216 12.11 -1.26 15.57
CA ALA A 216 13.18 -1.25 14.58
C ALA A 216 13.68 0.17 14.35
N ARG A 217 14.93 0.43 14.71
CA ARG A 217 15.48 1.77 14.49
C ARG A 217 16.17 1.86 13.15
N ILE A 218 16.02 3.00 12.47
CA ILE A 218 16.71 3.15 11.20
C ILE A 218 17.52 4.44 11.15
N ASP A 219 18.59 4.42 10.36
CA ASP A 219 19.45 5.59 10.22
C ASP A 219 18.84 6.74 9.43
N GLY A 220 19.43 7.92 9.61
CA GLY A 220 19.08 9.07 8.81
C GLY A 220 18.20 9.98 9.63
N ARG A 221 18.66 11.21 9.83
CA ARG A 221 17.98 12.16 10.68
C ARG A 221 16.53 12.46 10.25
N HIS A 222 16.19 12.25 8.98
CA HIS A 222 14.88 12.70 8.54
C HIS A 222 13.84 11.57 8.64
N GLY A 223 14.24 10.41 9.16
CA GLY A 223 13.26 9.36 9.45
C GLY A 223 12.86 8.44 8.30
N VAL A 224 11.63 7.98 8.35
CA VAL A 224 11.13 6.93 7.47
C VAL A 224 10.35 7.51 6.30
N ALA A 225 10.70 7.08 5.08
CA ALA A 225 9.96 7.57 3.91
C ALA A 225 8.74 6.70 3.70
N ASP A 226 8.93 5.39 3.70
CA ASP A 226 7.86 4.42 3.51
C ASP A 226 8.33 3.04 3.97
N PHE A 227 7.42 2.09 4.13
CA PHE A 227 7.83 0.76 4.60
C PHE A 227 6.76 -0.25 4.30
N ALA A 228 7.12 -1.53 4.42
CA ALA A 228 6.15 -2.59 4.21
C ALA A 228 6.54 -3.87 4.93
N TRP A 229 5.53 -4.62 5.36
CA TRP A 229 5.73 -5.97 5.87
C TRP A 229 6.21 -6.89 4.76
N TRP A 230 7.18 -7.75 5.09
CA TRP A 230 7.43 -8.90 4.23
C TRP A 230 6.14 -9.72 4.12
N SER A 231 5.88 -10.31 2.96
CA SER A 231 4.61 -11.01 2.74
C SER A 231 4.47 -12.26 3.64
N ASP A 232 5.58 -12.78 4.16
CA ASP A 232 5.48 -13.91 5.09
C ASP A 232 5.37 -13.47 6.55
N GLY A 233 5.32 -12.17 6.79
CA GLY A 233 5.19 -11.65 8.14
C GLY A 233 6.41 -11.76 9.02
N ASN A 234 7.55 -12.19 8.48
CA ASN A 234 8.74 -12.40 9.31
C ASN A 234 9.66 -11.17 9.42
N GLY A 235 9.31 -10.08 8.78
CA GLY A 235 10.15 -8.90 8.86
C GLY A 235 9.56 -7.77 8.06
N LEU A 236 10.30 -6.67 7.99
CA LEU A 236 9.87 -5.49 7.24
C LEU A 236 11.00 -4.90 6.40
N THR A 237 10.60 -4.20 5.34
CA THR A 237 11.49 -3.42 4.52
C THR A 237 11.18 -1.94 4.83
N ILE A 238 12.19 -1.18 5.21
CA ILE A 238 11.96 0.20 5.66
C ILE A 238 12.81 1.18 4.84
N ALA A 239 12.19 1.94 3.96
CA ALA A 239 12.94 2.90 3.15
C ALA A 239 13.15 4.19 3.95
N GLY A 240 14.41 4.52 4.22
CA GLY A 240 14.73 5.75 4.89
C GLY A 240 14.66 6.96 3.96
N ARG A 241 14.54 8.15 4.55
CA ARG A 241 14.56 9.37 3.76
C ARG A 241 15.99 9.73 3.37
N ASP A 242 16.96 8.95 3.84
CA ASP A 242 18.36 9.17 3.46
C ASP A 242 18.79 8.37 2.22
N GLY A 243 17.85 7.68 1.57
CA GLY A 243 18.20 6.85 0.41
C GLY A 243 18.60 5.41 0.71
N GLN A 244 18.68 5.05 1.99
CA GLN A 244 18.98 3.69 2.39
C GLN A 244 17.70 2.91 2.66
N VAL A 245 17.80 1.59 2.54
CA VAL A 245 16.67 0.71 2.79
C VAL A 245 17.10 -0.33 3.82
N THR A 246 16.27 -0.53 4.83
CA THR A 246 16.64 -1.42 5.91
C THR A 246 15.81 -2.69 5.86
N GLU A 247 16.45 -3.85 5.87
CA GLU A 247 15.71 -5.10 6.02
C GLU A 247 15.80 -5.52 7.47
N TRP A 248 14.65 -5.63 8.13
CA TRP A 248 14.62 -5.87 9.58
C TRP A 248 13.78 -7.11 9.84
N SER A 249 14.30 -7.98 10.69
CA SER A 249 13.68 -9.27 10.94
C SER A 249 12.86 -9.31 12.24
N MET A 250 11.62 -9.80 12.18
CA MET A 250 10.81 -10.08 13.38
C MET A 250 11.35 -11.28 14.16
N ILE A 251 12.07 -12.17 13.47
CA ILE A 251 12.54 -13.40 14.07
C ILE A 251 13.70 -13.13 15.02
N THR A 252 14.63 -12.29 14.61
CA THR A 252 15.76 -11.91 15.42
C THR A 252 15.53 -10.59 16.16
N ARG A 253 14.47 -9.88 15.77
CA ARG A 253 14.17 -8.52 16.26
C ARG A 253 15.35 -7.59 16.07
N ARG A 254 16.05 -7.73 14.94
CA ARG A 254 17.13 -6.82 14.66
C ARG A 254 17.33 -6.68 13.16
N THR A 255 18.16 -5.71 12.80
CA THR A 255 18.43 -5.40 11.41
C THR A 255 19.19 -6.54 10.76
N VAL A 256 18.74 -6.99 9.59
CA VAL A 256 19.45 -8.01 8.81
C VAL A 256 20.53 -7.33 7.97
N GLY A 257 20.18 -6.23 7.32
CA GLY A 257 21.17 -5.46 6.61
C GLY A 257 20.61 -4.20 6.02
N ILE A 258 21.49 -3.38 5.46
CA ILE A 258 21.08 -2.11 4.92
C ILE A 258 21.66 -1.94 3.52
N TRP A 259 20.82 -1.57 2.57
CA TRP A 259 21.33 -1.35 1.24
C TRP A 259 20.93 0.03 0.71
N ARG A 260 21.63 0.45 -0.33
CA ARG A 260 21.46 1.78 -0.90
C ARG A 260 20.59 1.68 -2.17
N ASP A 261 19.58 2.52 -2.26
CA ASP A 261 18.78 2.64 -3.47
C ASP A 261 19.45 3.72 -4.35
N GLU A 262 19.95 3.33 -5.53
CA GLU A 262 20.81 4.23 -6.33
C GLU A 262 20.09 5.47 -6.83
N GLY A 267 13.84 8.44 -1.19
CA GLY A 267 12.66 8.01 -1.92
C GLY A 267 11.37 8.57 -1.38
N THR A 268 10.28 8.36 -2.11
CA THR A 268 8.97 8.73 -1.62
C THR A 268 8.17 7.47 -1.22
N VAL A 269 7.80 6.66 -2.20
CA VAL A 269 6.95 5.49 -1.97
C VAL A 269 7.61 4.17 -2.36
N MET A 270 7.13 3.09 -1.76
CA MET A 270 7.80 1.79 -1.78
C MET A 270 6.70 0.72 -1.79
N ALA A 271 6.91 -0.41 -2.45
CA ALA A 271 6.02 -1.56 -2.28
C ALA A 271 6.75 -2.88 -2.52
N LEU A 272 6.20 -3.96 -1.96
CA LEU A 272 6.73 -5.30 -2.17
C LEU A 272 5.69 -6.18 -2.87
N GLY A 273 6.15 -7.09 -3.74
CA GLY A 273 5.25 -8.02 -4.39
C GLY A 273 5.97 -9.15 -5.13
N GLY A 274 5.17 -10.05 -5.71
CA GLY A 274 5.72 -11.17 -6.45
C GLY A 274 5.97 -12.38 -5.57
N ARG A 275 5.77 -13.57 -6.14
CA ARG A 275 5.98 -14.82 -5.43
C ARG A 275 7.43 -15.27 -5.58
N ASN A 276 7.87 -16.09 -4.65
CA ASN A 276 9.14 -16.81 -4.76
C ASN A 276 10.40 -15.95 -4.75
N GLY A 277 10.37 -14.84 -4.02
CA GLY A 277 11.60 -14.15 -3.71
C GLY A 277 12.40 -14.98 -2.72
N PRO A 278 13.46 -14.40 -2.13
CA PRO A 278 14.26 -15.17 -1.17
C PRO A 278 13.49 -15.54 0.11
N ALA A 279 13.43 -16.83 0.45
CA ALA A 279 12.72 -17.30 1.64
C ALA A 279 13.26 -16.70 2.94
N GLU A 280 14.55 -16.41 2.95
CA GLU A 280 15.18 -15.92 4.16
C GLU A 280 15.05 -14.40 4.33
N LEU A 281 14.41 -13.74 3.37
CA LEU A 281 14.18 -12.31 3.45
C LEU A 281 12.72 -11.97 3.13
N GLY A 282 11.81 -12.85 3.55
CA GLY A 282 10.40 -12.54 3.46
C GLY A 282 9.60 -13.09 2.29
N GLY A 283 10.27 -13.57 1.24
CA GLY A 283 9.56 -14.24 0.17
C GLY A 283 9.08 -13.40 -1.00
N ASP A 284 9.06 -12.08 -0.84
CA ASP A 284 8.70 -11.18 -1.94
C ASP A 284 9.78 -11.20 -3.01
N ARG A 285 9.37 -11.31 -4.27
CA ARG A 285 10.35 -11.30 -5.35
C ARG A 285 10.86 -9.89 -5.65
N TRP A 286 9.98 -8.91 -5.53
CA TRP A 286 10.28 -7.56 -6.01
C TRP A 286 10.16 -6.48 -4.92
N VAL A 287 11.07 -5.51 -4.95
CA VAL A 287 10.82 -4.26 -4.26
C VAL A 287 10.85 -3.14 -5.28
N ALA A 288 9.81 -2.31 -5.25
CA ALA A 288 9.70 -1.16 -6.13
C ALA A 288 9.77 0.13 -5.30
N ILE A 289 10.70 1.01 -5.67
CA ILE A 289 10.88 2.29 -4.98
C ILE A 289 10.76 3.49 -5.93
N GLY A 290 9.86 4.42 -5.63
CA GLY A 290 9.67 5.59 -6.47
C GLY A 290 10.33 6.83 -5.88
N SER A 291 10.46 7.88 -6.67
CA SER A 291 11.06 9.12 -6.18
C SER A 291 10.39 10.37 -6.75
N ASN A 292 10.80 11.54 -6.25
CA ASN A 292 10.29 12.84 -6.71
C ASN A 292 10.57 13.09 -8.19
N SER A 293 11.57 12.43 -8.73
CA SER A 293 11.97 12.65 -10.11
C SER A 293 11.01 11.99 -11.11
N GLY A 294 10.17 11.07 -10.62
CA GLY A 294 9.30 10.31 -11.50
C GLY A 294 9.83 8.92 -11.87
N ILE A 295 11.08 8.68 -11.55
CA ILE A 295 11.72 7.39 -11.78
C ILE A 295 11.28 6.35 -10.78
N LEU A 296 10.98 5.15 -11.27
CA LEU A 296 10.70 4.00 -10.42
C LEU A 296 11.77 2.93 -10.58
N ASN A 297 12.43 2.59 -9.47
CA ASN A 297 13.42 1.52 -9.43
C ASN A 297 12.80 0.23 -8.93
N VAL A 298 13.02 -0.86 -9.67
CA VAL A 298 12.57 -2.18 -9.26
C VAL A 298 13.78 -3.09 -9.10
N TYR A 299 13.89 -3.74 -7.94
CA TYR A 299 15.00 -4.66 -7.67
C TYR A 299 14.44 -6.07 -7.51
N ASP A 300 15.18 -7.03 -8.03
CA ASP A 300 14.96 -8.45 -7.75
C ASP A 300 15.50 -8.74 -6.35
N ARG A 301 14.64 -9.10 -5.41
CA ARG A 301 15.07 -9.23 -4.02
C ARG A 301 16.02 -10.40 -3.79
N ASN A 302 16.03 -11.38 -4.70
CA ASN A 302 17.08 -12.41 -4.71
C ASN A 302 18.46 -11.77 -4.87
N ASP A 303 18.54 -10.60 -5.50
CA ASP A 303 19.82 -9.93 -5.67
C ASP A 303 20.26 -9.12 -4.45
N LEU A 304 19.44 -9.11 -3.40
CA LEU A 304 19.77 -8.35 -2.19
C LEU A 304 20.77 -9.09 -1.33
N ILE A 305 20.73 -10.42 -1.39
CA ILE A 305 21.63 -11.24 -0.58
C ILE A 305 22.93 -11.50 -1.31
N GLU A 306 24.05 -11.30 -0.63
CA GLU A 306 25.33 -11.65 -1.18
C GLU A 306 25.50 -13.16 -1.23
N ILE A 328 23.51 -14.14 6.87
CA ILE A 328 23.02 -13.34 5.75
C ILE A 328 23.77 -12.03 5.67
N ARG A 329 24.34 -11.75 4.51
CA ARG A 329 24.92 -10.45 4.27
C ARG A 329 24.13 -9.78 3.14
N ILE A 330 23.62 -8.59 3.44
CA ILE A 330 22.91 -7.81 2.44
C ILE A 330 23.91 -7.04 1.59
N LYS A 331 23.72 -7.09 0.28
CA LYS A 331 24.57 -6.35 -0.64
C LYS A 331 24.39 -4.83 -0.39
N LYS A 332 25.49 -4.06 -0.36
CA LYS A 332 25.40 -2.61 -0.10
C LYS A 332 24.83 -1.82 -1.27
N TYR A 333 25.28 -2.15 -2.47
CA TYR A 333 24.86 -1.43 -3.68
C TYR A 333 24.27 -2.35 -4.72
N PRO A 334 23.07 -2.85 -4.46
CA PRO A 334 22.45 -3.70 -5.48
C PRO A 334 22.05 -2.92 -6.73
N THR A 335 21.94 -3.66 -7.82
CA THR A 335 21.61 -3.12 -9.13
C THR A 335 20.14 -3.38 -9.42
N PRO A 336 19.39 -2.33 -9.78
CA PRO A 336 17.99 -2.49 -10.16
C PRO A 336 17.86 -3.48 -11.32
N THR A 337 16.79 -4.26 -11.35
CA THR A 337 16.49 -5.06 -12.52
C THR A 337 15.94 -4.16 -13.63
N ARG A 338 15.18 -3.16 -13.23
CA ARG A 338 14.55 -2.27 -14.18
C ARG A 338 14.44 -0.86 -13.61
N VAL A 339 14.76 0.12 -14.43
CA VAL A 339 14.55 1.52 -14.06
C VAL A 339 13.53 2.10 -15.02
N PHE A 340 12.39 2.54 -14.49
CA PHE A 340 11.30 3.06 -15.30
C PHE A 340 11.41 4.57 -15.41
N GLU A 341 11.38 5.09 -16.62
CA GLU A 341 11.51 6.54 -16.83
C GLU A 341 10.31 7.15 -17.53
N GLN A 342 9.22 6.38 -17.64
CA GLN A 342 8.01 6.83 -18.33
C GLN A 342 7.40 8.11 -17.73
N LEU A 343 7.43 8.23 -16.40
CA LEU A 343 6.83 9.39 -15.73
C LEU A 343 7.89 10.43 -15.35
N THR A 344 7.50 11.70 -15.42
CA THR A 344 8.43 12.80 -15.17
C THR A 344 8.15 13.53 -13.86
N THR A 345 7.00 13.22 -13.23
CA THR A 345 6.64 13.85 -11.98
C THR A 345 6.63 12.85 -10.82
N SER A 346 6.68 13.39 -9.61
CA SER A 346 6.80 12.63 -8.37
C SER A 346 5.89 11.40 -8.29
N ILE A 347 6.47 10.23 -8.07
CA ILE A 347 5.69 9.00 -7.88
C ILE A 347 4.91 9.06 -6.56
N SER A 348 3.60 8.88 -6.64
CA SER A 348 2.73 9.01 -5.48
C SER A 348 2.15 7.66 -5.07
N VAL A 349 1.96 6.78 -6.07
CA VAL A 349 1.34 5.48 -5.84
C VAL A 349 2.08 4.35 -6.55
N VAL A 350 2.17 3.21 -5.89
CA VAL A 350 2.77 2.02 -6.46
C VAL A 350 2.15 0.82 -5.77
N ALA A 351 1.76 -0.18 -6.55
CA ALA A 351 1.09 -1.35 -5.99
C ALA A 351 1.33 -2.56 -6.86
N PHE A 352 1.56 -3.69 -6.21
CA PHE A 352 1.62 -4.98 -6.84
C PHE A 352 0.26 -5.68 -6.74
N SER A 353 -0.12 -6.40 -7.77
CA SER A 353 -1.31 -7.24 -7.69
C SER A 353 -0.96 -8.42 -6.80
N PRO A 354 -1.96 -8.98 -6.10
CA PRO A 354 -1.73 -10.11 -5.18
C PRO A 354 -1.11 -11.37 -5.84
N ASP A 355 -1.38 -11.60 -7.12
CA ASP A 355 -0.83 -12.77 -7.83
C ASP A 355 0.62 -12.54 -8.28
N GLY A 356 1.10 -11.30 -8.15
CA GLY A 356 2.48 -10.96 -8.42
C GLY A 356 2.80 -10.86 -9.89
N GLN A 357 1.77 -10.64 -10.71
CA GLN A 357 1.95 -10.56 -12.17
C GLN A 357 1.89 -9.13 -12.65
N LEU A 358 1.34 -8.24 -11.83
CA LEU A 358 1.18 -6.85 -12.25
C LEU A 358 1.76 -5.87 -11.23
N LEU A 359 2.23 -4.75 -11.73
CA LEU A 359 2.74 -3.66 -10.93
C LEU A 359 2.19 -2.39 -11.53
N ALA A 360 1.51 -1.57 -10.75
CA ALA A 360 1.03 -0.29 -11.26
C ALA A 360 1.71 0.82 -10.51
N PHE A 361 1.97 1.93 -11.19
CA PHE A 361 2.53 3.08 -10.49
C PHE A 361 2.12 4.37 -11.16
N GLY A 362 2.07 5.44 -10.39
CA GLY A 362 1.60 6.69 -10.93
C GLY A 362 2.00 7.91 -10.14
N SER A 363 1.53 9.07 -10.63
CA SER A 363 1.86 10.36 -10.06
C SER A 363 0.62 11.27 -10.07
N GLN A 364 0.33 11.89 -8.94
CA GLN A 364 -0.86 12.72 -8.83
C GLN A 364 -0.66 14.13 -9.33
N HIS A 365 0.60 14.51 -9.56
CA HIS A 365 0.93 15.89 -9.93
C HIS A 365 0.79 16.11 -11.42
N LYS A 366 0.29 15.09 -12.10
CA LYS A 366 0.05 15.16 -13.53
C LYS A 366 -1.13 14.28 -13.90
N LYS A 367 -2.03 14.85 -14.70
CA LYS A 367 -3.23 14.17 -15.11
C LYS A 367 -2.89 12.89 -15.88
N ASP A 368 -3.55 11.81 -15.53
CA ASP A 368 -3.42 10.55 -16.25
C ASP A 368 -2.00 9.95 -16.20
N ALA A 369 -1.22 10.33 -15.20
CA ALA A 369 0.12 9.76 -15.09
C ALA A 369 0.07 8.45 -14.32
N LEU A 370 -0.20 7.38 -15.05
CA LEU A 370 -0.29 6.02 -14.54
C LEU A 370 0.29 5.01 -15.55
N ARG A 371 1.02 4.01 -15.08
CA ARG A 371 1.51 2.95 -15.94
C ARG A 371 1.27 1.60 -15.32
N LEU A 372 1.21 0.58 -16.19
CA LEU A 372 0.98 -0.78 -15.76
C LEU A 372 2.12 -1.67 -16.28
N VAL A 373 2.63 -2.55 -15.43
CA VAL A 373 3.83 -3.34 -15.75
C VAL A 373 3.55 -4.83 -15.56
N HIS A 374 4.05 -5.65 -16.49
CA HIS A 374 4.02 -7.09 -16.36
C HIS A 374 5.19 -7.61 -15.52
N LEU A 375 4.91 -8.59 -14.69
CA LEU A 375 5.95 -9.26 -13.93
C LEU A 375 5.89 -10.76 -14.25
N PRO A 376 7.04 -11.44 -14.35
CA PRO A 376 8.40 -10.97 -14.01
C PRO A 376 9.19 -10.22 -15.11
N SER A 377 8.58 -9.87 -16.24
CA SER A 377 9.36 -9.26 -17.32
C SER A 377 9.79 -7.81 -17.05
N CYS A 378 9.04 -7.09 -16.20
CA CYS A 378 9.26 -5.66 -15.94
C CYS A 378 9.10 -4.84 -17.22
N THR A 379 8.32 -5.40 -18.14
CA THR A 379 8.00 -4.68 -19.37
C THR A 379 6.72 -3.90 -19.16
N VAL A 380 6.66 -2.70 -19.71
CA VAL A 380 5.54 -1.78 -19.56
C VAL A 380 4.48 -2.11 -20.60
N TYR A 381 3.21 -2.13 -20.20
CA TYR A 381 2.14 -2.36 -21.16
C TYR A 381 1.97 -1.17 -22.10
N ARG A 382 1.88 -1.44 -23.40
CA ARG A 382 1.80 -0.37 -24.38
C ARG A 382 0.39 -0.04 -24.83
N ASN A 383 -0.56 -0.94 -24.64
CA ASN A 383 -1.93 -0.72 -25.11
C ASN A 383 -2.86 -0.08 -24.06
N TRP A 384 -2.38 0.04 -22.83
CA TRP A 384 -3.16 0.65 -21.76
C TRP A 384 -2.26 1.17 -20.65
N PRO A 385 -2.48 2.41 -20.21
CA PRO A 385 -3.60 3.23 -20.68
C PRO A 385 -3.36 3.97 -22.00
N THR A 386 -4.45 4.40 -22.64
CA THR A 386 -4.35 5.16 -23.87
C THR A 386 -4.52 6.63 -23.53
N GLU A 387 -4.34 7.50 -24.52
CA GLU A 387 -4.49 8.93 -24.26
C GLU A 387 -5.96 9.28 -24.10
N GLN A 388 -6.83 8.29 -24.26
CA GLN A 388 -8.25 8.48 -24.08
C GLN A 388 -8.69 8.07 -22.68
N THR A 389 -7.97 7.12 -22.09
CA THR A 389 -8.37 6.53 -20.81
C THR A 389 -8.54 7.60 -19.74
N PRO A 390 -9.74 7.70 -19.18
CA PRO A 390 -9.98 8.70 -18.12
C PRO A 390 -9.41 8.21 -16.78
N LEU A 391 -8.57 9.04 -16.17
CA LEU A 391 -7.97 8.71 -14.89
C LEU A 391 -7.98 9.94 -14.02
N GLY A 392 -7.50 11.05 -14.57
CA GLY A 392 -7.40 12.30 -13.85
C GLY A 392 -6.07 12.38 -13.12
N ARG A 393 -6.07 13.07 -11.99
CA ARG A 393 -4.92 13.12 -11.10
C ARG A 393 -5.05 11.99 -10.08
N VAL A 394 -4.40 10.86 -10.36
CA VAL A 394 -4.52 9.64 -9.57
C VAL A 394 -3.91 9.79 -8.18
N THR A 395 -4.68 9.42 -7.16
CA THR A 395 -4.27 9.56 -5.76
C THR A 395 -4.35 8.21 -5.04
N ALA A 396 -4.95 7.22 -5.67
CA ALA A 396 -5.07 5.89 -5.08
C ALA A 396 -5.33 4.82 -6.12
N ILE A 397 -4.81 3.63 -5.87
CA ILE A 397 -4.97 2.47 -6.74
C ILE A 397 -4.99 1.21 -5.90
N ALA A 398 -5.72 0.21 -6.36
CA ALA A 398 -5.75 -1.08 -5.71
C ALA A 398 -6.16 -2.16 -6.70
N PHE A 399 -5.69 -3.38 -6.44
CA PHE A 399 -6.08 -4.56 -7.18
C PHE A 399 -6.96 -5.45 -6.31
N SER A 400 -7.95 -6.08 -6.91
CA SER A 400 -8.78 -7.04 -6.19
C SER A 400 -8.00 -8.26 -5.73
N SER A 401 -8.58 -9.01 -4.81
CA SER A 401 -7.93 -10.20 -4.26
C SER A 401 -7.58 -11.26 -5.31
N LYS A 402 -8.24 -11.20 -6.46
CA LYS A 402 -7.99 -12.13 -7.56
C LYS A 402 -7.28 -11.47 -8.75
N SER A 403 -6.83 -10.23 -8.57
CA SER A 403 -5.99 -9.55 -9.56
C SER A 403 -6.67 -9.35 -10.91
N ASP A 404 -7.98 -9.19 -10.91
CA ASP A 404 -8.72 -9.07 -12.16
C ASP A 404 -9.48 -7.75 -12.23
N VAL A 405 -9.38 -6.97 -11.17
CA VAL A 405 -9.93 -5.63 -11.16
C VAL A 405 -8.88 -4.61 -10.68
N LEU A 406 -8.78 -3.51 -11.39
CA LEU A 406 -7.93 -2.41 -10.98
C LEU A 406 -8.79 -1.20 -10.67
N ALA A 407 -8.78 -0.76 -9.41
CA ALA A 407 -9.51 0.45 -9.03
C ALA A 407 -8.56 1.65 -9.00
N VAL A 408 -9.04 2.80 -9.49
CA VAL A 408 -8.24 4.01 -9.62
C VAL A 408 -9.02 5.24 -9.12
N GLY A 409 -8.59 5.81 -8.00
CA GLY A 409 -9.21 7.01 -7.44
C GLY A 409 -8.43 8.26 -7.76
N ASN A 410 -9.12 9.39 -7.93
CA ASN A 410 -8.44 10.64 -8.23
C ASN A 410 -8.78 11.75 -7.23
N ASP A 411 -8.27 12.95 -7.45
CA ASP A 411 -8.40 14.00 -6.44
C ASP A 411 -9.73 14.77 -6.55
N VAL A 412 -10.60 14.38 -7.48
CA VAL A 412 -11.93 14.97 -7.53
C VAL A 412 -12.97 13.96 -7.05
N GLY A 413 -12.49 12.87 -6.46
CA GLY A 413 -13.36 11.94 -5.75
C GLY A 413 -13.93 10.80 -6.57
N ARG A 414 -13.52 10.70 -7.84
CA ARG A 414 -13.95 9.60 -8.70
C ARG A 414 -13.17 8.31 -8.46
N VAL A 415 -13.89 7.20 -8.40
CA VAL A 415 -13.27 5.89 -8.36
C VAL A 415 -13.71 5.12 -9.58
N ARG A 416 -12.78 4.90 -10.51
CA ARG A 416 -13.09 4.17 -11.72
C ARG A 416 -12.51 2.75 -11.64
N LEU A 417 -13.10 1.82 -12.39
CA LEU A 417 -12.74 0.40 -12.32
C LEU A 417 -12.45 -0.19 -13.71
N TRP A 418 -11.51 -1.13 -13.77
CA TRP A 418 -11.17 -1.82 -15.01
C TRP A 418 -11.06 -3.30 -14.76
N GLU A 419 -11.63 -4.10 -15.67
CA GLU A 419 -11.53 -5.55 -15.57
C GLU A 419 -10.29 -6.02 -16.31
N ILE A 420 -9.63 -7.01 -15.72
CA ILE A 420 -8.39 -7.57 -16.23
C ILE A 420 -8.55 -9.03 -16.59
N ARG A 421 -8.42 -9.36 -17.87
CA ARG A 421 -8.57 -10.75 -18.31
C ARG A 421 -7.25 -11.33 -18.86
N GLY A 422 -6.99 -12.58 -18.50
CA GLY A 422 -5.81 -13.27 -19.00
C GLY A 422 -5.94 -13.63 -20.48
S SO4 B . -10.33 2.59 -21.21
O1 SO4 B . -9.97 1.17 -21.23
O2 SO4 B . -10.69 2.97 -19.84
O3 SO4 B . -11.49 2.81 -22.09
O4 SO4 B . -9.21 3.39 -21.68
S SO4 C . 7.13 12.02 9.85
O1 SO4 C . 6.92 13.15 10.78
O2 SO4 C . 6.33 10.90 10.34
O3 SO4 C . 8.56 11.73 9.86
O4 SO4 C . 6.68 12.34 8.51
S SO4 D . 15.13 6.39 23.52
O1 SO4 D . 15.14 4.94 23.62
O2 SO4 D . 15.23 6.98 24.85
O3 SO4 D . 16.26 6.86 22.71
O4 SO4 D . 13.85 6.79 22.94
S SO4 E . 12.52 -15.04 -14.92
O1 SO4 E . 11.28 -15.31 -14.19
O2 SO4 E . 13.60 -15.01 -13.93
O3 SO4 E . 12.76 -16.10 -15.92
O4 SO4 E . 12.42 -13.72 -15.55
S SO4 F . 22.11 11.84 7.99
O1 SO4 F . 20.98 12.56 8.51
O2 SO4 F . 22.50 10.90 9.03
O3 SO4 F . 21.66 11.15 6.78
O4 SO4 F . 23.23 12.75 7.68
S SO4 G . -15.91 8.89 -17.96
O1 SO4 G . -17.11 9.64 -17.58
O2 SO4 G . -15.48 8.08 -16.82
O3 SO4 G . -16.20 7.97 -19.06
O4 SO4 G . -14.87 9.83 -18.38
#